data_8AMQ
#
_entry.id   8AMQ
#
_cell.length_a   53.200
_cell.length_b   54.354
_cell.length_c   69.037
_cell.angle_alpha   67.710
_cell.angle_beta   77.210
_cell.angle_gamma   61.630
#
_symmetry.space_group_name_H-M   'P 1'
#
loop_
_entity.id
_entity.type
_entity.pdbx_description
1 polymer 'Probable ferredoxin,Putative cytochrome P450 143'
2 non-polymer 'FE3-S4 CLUSTER'
3 non-polymer 'PROTOPORPHYRIN IX CONTAINING FE'
4 non-polymer 'NICKEL (II) ION'
5 water water
#
_entity_poly.entity_id   1
_entity_poly.type   'polypeptide(L)'
_entity_poly.pdbx_seq_one_letter_code
;MAHHHHHHKVRLDPSRCVGHAQCYAVDPDLFPIDDSGNSILAEHEVRPEDMQLTRDGVAACPEMALILEEDDADVLHRHQ
PVTIGEPAAKKTTTPGEDHAGSFYLPRLEYSTLPMAVDRGVGWKTLRDAGPVVFMNGWYYLTRREDVLAALRNPKVFSSR
KALQPPGNPLPVVPLAFDPPEHTRYRRILQPYFSPAALSKALPSLRRHTVAMIDAIAGRGECEAMADLANLFPFQLFLVL
YGLPLEDRDRLIGWKDAVIAMSDRPHPTEADVAAARELLEYLTAMVAERRRNPGPDVLSQVQIGEDPLSEIEVLGLSHLL
ILAGLDTVTAAVGFSLLELARRPQLRAMLRDNPKQIRVFIEEIVRLEPSAPVAPRVTTEPVTVGGMTLPAGSPVRLCMAA
VNRDGSDAMSTDELVMDGKVHRHWGFGGGPHRCLGSHLARLELTLLVGEWLNQIPDFELAPDYAPEIRFPSKSFALKNLP
LRWS
;
_entity_poly.pdbx_strand_id   A
#
# COMPACT_ATOMS: atom_id res chain seq x y z
N ALA A 2 -10.68 -1.52 43.71
CA ALA A 2 -10.93 -0.59 42.62
C ALA A 2 -9.87 0.52 42.57
N HIS A 3 -9.63 1.13 43.72
CA HIS A 3 -8.92 2.40 43.83
C HIS A 3 -7.40 2.28 43.67
N HIS A 4 -6.86 1.10 43.44
CA HIS A 4 -5.45 0.98 43.08
C HIS A 4 -5.22 1.18 41.58
N HIS A 5 -5.91 2.15 40.98
CA HIS A 5 -5.87 2.37 39.53
C HIS A 5 -4.45 2.71 39.07
N HIS A 6 -3.78 1.76 38.41
CA HIS A 6 -2.44 2.00 37.89
C HIS A 6 -2.50 2.90 36.67
N HIS A 7 -1.58 3.87 36.60
CA HIS A 7 -1.41 4.71 35.43
C HIS A 7 -0.55 4.00 34.38
N HIS A 8 -0.46 4.60 33.20
CA HIS A 8 0.23 3.95 32.08
C HIS A 8 1.23 4.91 31.46
N LYS A 9 2.20 4.32 30.75
CA LYS A 9 3.11 5.07 29.93
C LYS A 9 3.13 4.44 28.55
N VAL A 10 3.49 5.23 27.55
CA VAL A 10 3.62 4.73 26.20
C VAL A 10 5.05 5.03 25.74
N ARG A 11 5.63 4.12 24.97
CA ARG A 11 6.95 4.35 24.41
C ARG A 11 7.00 3.79 23.01
N LEU A 12 8.05 4.19 22.30
CA LEU A 12 8.35 3.75 20.96
C LEU A 12 9.50 2.74 21.01
N ASP A 13 9.28 1.57 20.43
CA ASP A 13 10.37 0.65 20.14
C ASP A 13 10.98 1.10 18.82
N PRO A 14 12.14 1.77 18.84
CA PRO A 14 12.68 2.34 17.59
C PRO A 14 12.99 1.31 16.54
N SER A 15 13.39 0.09 16.93
CA SER A 15 13.72 -0.95 15.98
C SER A 15 12.49 -1.52 15.25
N ARG A 16 11.27 -1.20 15.69
CA ARG A 16 10.08 -1.69 15.00
C ARG A 16 9.44 -0.67 14.07
N CYS A 17 9.64 0.63 14.30
CA CYS A 17 9.01 1.66 13.49
C CYS A 17 9.59 1.69 12.08
N VAL A 18 8.71 1.64 11.07
CA VAL A 18 9.12 1.81 9.67
C VAL A 18 8.34 2.97 9.04
N GLY A 19 7.75 3.82 9.86
CA GLY A 19 7.09 5.01 9.36
C GLY A 19 5.74 4.81 8.66
N HIS A 20 4.92 3.85 9.08
CA HIS A 20 3.55 3.79 8.54
C HIS A 20 2.78 5.10 8.79
N ALA A 21 3.06 5.76 9.91
CA ALA A 21 2.43 7.02 10.30
C ALA A 21 0.92 6.88 10.51
N GLN A 22 0.43 5.66 10.74
N GLN A 22 0.44 5.65 10.74
CA GLN A 22 -0.96 5.46 11.15
CA GLN A 22 -0.94 5.44 11.16
C GLN A 22 -1.22 6.06 12.54
C GLN A 22 -1.20 6.08 12.51
N CYS A 23 -0.22 6.03 13.40
CA CYS A 23 -0.35 6.63 14.72
C CYS A 23 -0.63 8.11 14.63
N TYR A 24 0.09 8.80 13.74
CA TYR A 24 -0.13 10.21 13.48
C TYR A 24 -1.55 10.49 12.97
N ALA A 25 -2.09 9.61 12.12
CA ALA A 25 -3.48 9.77 11.67
C ALA A 25 -4.48 9.65 12.81
N VAL A 26 -4.19 8.87 13.85
CA VAL A 26 -5.10 8.80 15.00
C VAL A 26 -5.11 10.11 15.77
N ASP A 27 -3.91 10.63 16.09
CA ASP A 27 -3.80 11.93 16.75
C ASP A 27 -2.42 12.54 16.49
N PRO A 28 -2.35 13.66 15.80
CA PRO A 28 -1.04 14.19 15.41
C PRO A 28 -0.26 14.75 16.59
N ASP A 29 -0.93 15.20 17.65
CA ASP A 29 -0.24 15.75 18.80
C ASP A 29 0.28 14.65 19.72
N LEU A 30 -0.52 13.62 19.96
CA LEU A 30 -0.03 12.50 20.78
C LEU A 30 1.04 11.67 20.05
N PHE A 31 0.99 11.64 18.72
CA PHE A 31 1.83 10.75 17.92
C PHE A 31 2.55 11.56 16.86
N PRO A 32 3.55 12.35 17.26
CA PRO A 32 4.28 13.18 16.29
C PRO A 32 5.18 12.33 15.40
N ILE A 33 5.46 12.87 14.22
CA ILE A 33 6.36 12.22 13.24
C ILE A 33 7.33 13.26 12.70
N ASP A 34 8.47 12.79 12.20
CA ASP A 34 9.47 13.68 11.62
C ASP A 34 9.21 13.84 10.11
N ASP A 35 10.11 14.55 9.42
CA ASP A 35 9.92 14.85 7.99
C ASP A 35 10.06 13.62 7.09
N SER A 36 10.53 12.49 7.61
CA SER A 36 10.51 11.25 6.85
C SER A 36 9.31 10.39 7.17
N GLY A 37 8.37 10.90 7.97
CA GLY A 37 7.18 10.15 8.32
C GLY A 37 7.35 9.07 9.36
N ASN A 38 8.41 9.13 10.18
CA ASN A 38 8.70 8.17 11.23
C ASN A 38 8.34 8.77 12.58
N SER A 39 7.81 7.94 13.46
CA SER A 39 7.45 8.41 14.81
C SER A 39 8.65 9.02 15.53
N ILE A 40 8.42 10.18 16.15
CA ILE A 40 9.39 10.77 17.07
C ILE A 40 8.75 10.86 18.44
N LEU A 41 7.83 9.96 18.74
CA LEU A 41 7.24 9.92 20.08
C LEU A 41 8.30 9.62 21.12
N ALA A 42 8.31 10.40 22.20
CA ALA A 42 9.17 10.14 23.35
C ALA A 42 8.35 9.55 24.50
N GLU A 43 8.93 8.56 25.16
CA GLU A 43 8.23 7.87 26.24
C GLU A 43 7.74 8.86 27.30
N HIS A 44 6.52 8.65 27.77
CA HIS A 44 5.93 9.61 28.70
C HIS A 44 4.72 8.96 29.35
N GLU A 45 4.36 9.50 30.52
CA GLU A 45 3.13 9.09 31.20
C GLU A 45 1.93 9.57 30.41
N VAL A 46 0.93 8.70 30.31
CA VAL A 46 -0.25 8.98 29.50
C VAL A 46 -1.27 9.67 30.39
N ARG A 47 -1.76 10.81 29.93
CA ARG A 47 -2.75 11.53 30.70
C ARG A 47 -4.06 10.76 30.69
N PRO A 48 -4.79 10.74 31.81
CA PRO A 48 -6.05 9.96 31.85
C PRO A 48 -7.01 10.29 30.72
N GLU A 49 -7.16 11.57 30.37
CA GLU A 49 -8.03 11.98 29.27
C GLU A 49 -7.51 11.54 27.90
N ASP A 50 -6.22 11.23 27.78
CA ASP A 50 -5.64 10.78 26.53
C ASP A 50 -5.55 9.27 26.41
N MET A 51 -6.08 8.53 27.38
CA MET A 51 -5.86 7.08 27.37
C MET A 51 -6.52 6.41 26.17
N GLN A 52 -7.74 6.83 25.82
CA GLN A 52 -8.46 6.16 24.75
C GLN A 52 -7.82 6.43 23.39
N LEU A 53 -7.45 7.68 23.11
CA LEU A 53 -6.73 7.98 21.87
C LEU A 53 -5.35 7.36 21.85
N THR A 54 -4.72 7.20 23.03
CA THR A 54 -3.41 6.55 23.04
C THR A 54 -3.54 5.08 22.71
N ARG A 55 -4.53 4.39 23.29
N ARG A 55 -4.53 4.40 23.29
CA ARG A 55 -4.83 3.02 22.91
CA ARG A 55 -4.81 3.01 22.91
C ARG A 55 -5.11 2.92 21.41
C ARG A 55 -5.12 2.91 21.42
N ASP A 56 -5.89 3.87 20.88
CA ASP A 56 -6.22 3.84 19.45
C ASP A 56 -4.96 3.95 18.60
N GLY A 57 -4.03 4.84 18.99
CA GLY A 57 -2.79 4.98 18.23
C GLY A 57 -1.94 3.73 18.31
N VAL A 58 -1.89 3.12 19.51
CA VAL A 58 -1.10 1.91 19.66
C VAL A 58 -1.70 0.80 18.80
N ALA A 59 -3.04 0.73 18.73
CA ALA A 59 -3.72 -0.29 17.96
C ALA A 59 -3.55 -0.08 16.46
N ALA A 60 -3.22 1.15 16.03
CA ALA A 60 -3.17 1.48 14.61
C ALA A 60 -1.85 1.11 13.97
N CYS A 61 -0.80 0.87 14.77
CA CYS A 61 0.53 0.63 14.22
C CYS A 61 0.65 -0.79 13.69
N PRO A 62 0.91 -1.00 12.39
CA PRO A 62 1.06 -2.37 11.90
C PRO A 62 2.34 -3.06 12.34
N GLU A 63 3.32 -2.35 12.88
CA GLU A 63 4.54 -2.99 13.35
C GLU A 63 4.52 -3.24 14.86
N MET A 64 3.44 -2.89 15.56
N MET A 64 3.43 -2.88 15.52
CA MET A 64 3.41 -2.97 17.03
CA MET A 64 3.34 -2.92 16.98
C MET A 64 4.58 -2.20 17.63
C MET A 64 4.55 -2.22 17.61
N ALA A 65 4.91 -1.05 17.06
CA ALA A 65 6.08 -0.35 17.53
C ALA A 65 5.79 0.54 18.75
N LEU A 66 4.53 0.89 18.98
CA LEU A 66 4.15 1.68 20.14
C LEU A 66 3.69 0.71 21.23
N ILE A 67 4.23 0.88 22.44
CA ILE A 67 3.99 -0.04 23.55
C ILE A 67 3.36 0.73 24.70
N LEU A 68 2.21 0.27 25.15
CA LEU A 68 1.54 0.80 26.33
C LEU A 68 1.84 -0.15 27.48
N GLU A 69 2.38 0.37 28.58
N GLU A 69 2.32 0.39 28.60
CA GLU A 69 2.65 -0.49 29.73
CA GLU A 69 2.75 -0.41 29.73
C GLU A 69 2.25 0.22 31.02
C GLU A 69 2.26 0.23 31.02
N GLU A 70 2.18 -0.59 32.08
CA GLU A 70 1.80 -0.07 33.38
C GLU A 70 2.94 0.76 33.95
N ASP A 71 2.60 1.96 34.44
CA ASP A 71 3.59 2.86 35.02
C ASP A 71 3.78 2.52 36.50
N ASP A 72 4.41 1.36 36.76
CA ASP A 72 4.42 0.79 38.11
C ASP A 72 5.80 0.63 38.74
N ALA A 73 6.85 1.22 38.16
CA ALA A 73 8.15 1.18 38.80
C ALA A 73 8.10 1.82 40.19
N ASP A 74 8.87 1.25 41.13
CA ASP A 74 9.04 1.79 42.47
C ASP A 74 10.35 1.23 43.03
N VAL A 75 10.62 1.47 44.31
CA VAL A 75 11.93 1.06 44.83
C VAL A 75 12.10 -0.46 44.77
N LEU A 76 11.00 -1.21 44.77
CA LEU A 76 11.07 -2.66 44.76
C LEU A 76 10.96 -3.20 43.34
N HIS A 77 9.98 -2.72 42.59
CA HIS A 77 9.76 -3.15 41.22
C HIS A 77 10.49 -2.19 40.27
N ARG A 78 11.71 -2.57 39.90
N ARG A 78 11.71 -2.56 39.87
CA ARG A 78 12.52 -1.72 39.05
CA ARG A 78 12.54 -1.66 39.09
C ARG A 78 12.25 -2.03 37.59
C ARG A 78 12.52 -2.04 37.61
N HIS A 79 12.47 -1.02 36.75
CA HIS A 79 12.36 -1.19 35.32
C HIS A 79 13.76 -1.04 34.72
N GLN A 80 14.23 -2.08 34.01
CA GLN A 80 15.57 -2.07 33.43
C GLN A 80 15.54 -1.36 32.07
N PRO A 81 16.39 -0.35 31.86
CA PRO A 81 16.38 0.44 30.62
C PRO A 81 17.22 -0.19 29.51
N ALA A 100 11.62 -29.97 12.49
CA ALA A 100 10.24 -29.79 12.04
C ALA A 100 9.35 -30.95 12.49
N GLY A 101 8.05 -30.67 12.54
CA GLY A 101 7.06 -31.68 12.89
C GLY A 101 6.09 -32.01 11.77
N SER A 102 6.02 -31.16 10.73
CA SER A 102 5.00 -31.27 9.69
C SER A 102 5.62 -31.74 8.38
N PHE A 103 5.25 -32.94 7.95
CA PHE A 103 5.81 -33.53 6.74
C PHE A 103 4.79 -33.71 5.63
N TYR A 104 3.66 -33.01 5.70
CA TYR A 104 2.58 -33.19 4.73
C TYR A 104 2.26 -31.81 4.19
N LEU A 105 2.77 -31.53 2.99
CA LEU A 105 2.66 -30.19 2.42
C LEU A 105 1.34 -30.03 1.69
N PRO A 106 0.45 -29.14 2.14
CA PRO A 106 -0.80 -28.88 1.39
C PRO A 106 -0.49 -28.27 0.03
N ARG A 107 -1.24 -28.71 -0.98
CA ARG A 107 -1.08 -28.19 -2.34
C ARG A 107 -2.45 -27.77 -2.86
N LEU A 108 -2.53 -26.55 -3.40
CA LEU A 108 -3.72 -26.10 -4.12
C LEU A 108 -3.32 -25.60 -5.51
N GLU A 109 -4.27 -25.64 -6.44
CA GLU A 109 -4.15 -24.94 -7.72
C GLU A 109 -4.60 -23.49 -7.55
N TYR A 110 -3.69 -22.54 -7.79
CA TYR A 110 -4.01 -21.14 -7.65
C TYR A 110 -5.26 -20.74 -8.45
N SER A 111 -5.35 -21.22 -9.70
CA SER A 111 -6.35 -20.68 -10.61
C SER A 111 -7.77 -21.05 -10.24
N THR A 112 -7.97 -22.06 -9.39
CA THR A 112 -9.33 -22.40 -8.98
C THR A 112 -9.69 -21.89 -7.57
N LEU A 113 -8.90 -21.00 -6.98
CA LEU A 113 -9.38 -20.33 -5.78
C LEU A 113 -10.60 -19.49 -6.11
N PRO A 114 -11.62 -19.47 -5.25
CA PRO A 114 -12.83 -18.65 -5.50
C PRO A 114 -12.61 -17.18 -5.14
N MET A 115 -11.99 -16.47 -6.08
N MET A 115 -12.01 -16.45 -6.08
CA MET A 115 -11.52 -15.09 -5.92
CA MET A 115 -11.56 -15.08 -5.84
C MET A 115 -12.35 -14.08 -6.69
C MET A 115 -12.19 -14.06 -6.79
N ALA A 116 -12.95 -14.49 -7.81
CA ALA A 116 -13.49 -13.52 -8.77
C ALA A 116 -14.58 -12.65 -8.15
N VAL A 117 -15.44 -13.23 -7.33
CA VAL A 117 -16.59 -12.53 -6.78
C VAL A 117 -16.29 -11.96 -5.39
N ASP A 118 -15.63 -12.73 -4.53
CA ASP A 118 -15.49 -12.37 -3.12
C ASP A 118 -14.10 -12.77 -2.66
N ARG A 119 -13.23 -11.78 -2.45
CA ARG A 119 -11.88 -12.06 -1.95
C ARG A 119 -11.91 -12.74 -0.59
N GLY A 120 -12.90 -12.41 0.25
CA GLY A 120 -13.00 -13.09 1.54
C GLY A 120 -13.10 -14.61 1.41
N VAL A 121 -13.97 -15.09 0.52
CA VAL A 121 -14.07 -16.54 0.29
C VAL A 121 -12.75 -17.08 -0.25
N GLY A 122 -12.08 -16.29 -1.10
CA GLY A 122 -10.84 -16.75 -1.71
C GLY A 122 -9.74 -16.95 -0.68
N TRP A 123 -9.50 -15.90 0.13
CA TRP A 123 -8.43 -16.01 1.12
C TRP A 123 -8.77 -16.98 2.23
N LYS A 124 -10.06 -17.14 2.56
CA LYS A 124 -10.44 -18.16 3.54
C LYS A 124 -10.08 -19.56 3.06
N THR A 125 -10.31 -19.83 1.76
CA THR A 125 -9.97 -21.14 1.19
C THR A 125 -8.48 -21.42 1.31
N LEU A 126 -7.66 -20.41 1.02
CA LEU A 126 -6.22 -20.57 1.12
C LEU A 126 -5.78 -20.72 2.58
N ARG A 127 -6.26 -19.80 3.44
N ARG A 127 -6.28 -19.83 3.46
CA ARG A 127 -5.91 -19.84 4.86
CA ARG A 127 -5.86 -19.86 4.86
C ARG A 127 -6.19 -21.21 5.47
C ARG A 127 -6.22 -21.19 5.52
N ASP A 128 -7.38 -21.73 5.20
CA ASP A 128 -7.81 -22.97 5.81
C ASP A 128 -7.02 -24.19 5.33
N ALA A 129 -6.31 -24.09 4.20
CA ALA A 129 -5.54 -25.26 3.77
C ALA A 129 -4.29 -25.47 4.63
N GLY A 130 -3.83 -24.43 5.33
CA GLY A 130 -2.71 -24.57 6.25
C GLY A 130 -1.84 -23.34 6.34
N PRO A 131 -0.93 -23.32 7.33
CA PRO A 131 0.02 -22.18 7.44
C PRO A 131 0.93 -22.04 6.24
N VAL A 132 1.25 -23.13 5.55
CA VAL A 132 2.10 -23.12 4.36
C VAL A 132 1.37 -23.93 3.30
N VAL A 133 1.12 -23.31 2.15
CA VAL A 133 0.36 -23.96 1.08
C VAL A 133 1.15 -23.78 -0.20
N PHE A 134 1.49 -24.90 -0.84
CA PHE A 134 2.19 -24.83 -2.11
C PHE A 134 1.20 -24.64 -3.23
N MET A 135 1.39 -23.59 -4.03
CA MET A 135 0.58 -23.39 -5.22
C MET A 135 1.50 -23.01 -6.36
N ASN A 136 1.61 -23.88 -7.38
CA ASN A 136 2.19 -23.53 -8.68
C ASN A 136 3.59 -22.96 -8.52
N GLY A 137 4.40 -23.67 -7.76
CA GLY A 137 5.80 -23.36 -7.63
C GLY A 137 6.19 -22.56 -6.42
N TRP A 138 5.22 -21.98 -5.69
CA TRP A 138 5.51 -21.07 -4.59
C TRP A 138 4.92 -21.58 -3.28
N TYR A 139 5.63 -21.29 -2.17
CA TYR A 139 5.15 -21.56 -0.82
C TYR A 139 4.43 -20.32 -0.29
N TYR A 140 3.13 -20.41 -0.09
CA TYR A 140 2.36 -19.28 0.41
C TYR A 140 2.30 -19.38 1.93
N LEU A 141 2.70 -18.31 2.60
CA LEU A 141 2.60 -18.23 4.05
C LEU A 141 1.30 -17.49 4.37
N THR A 142 0.37 -18.19 5.01
CA THR A 142 -0.99 -17.68 5.16
C THR A 142 -1.31 -17.12 6.56
N ARG A 143 -0.44 -17.26 7.53
N ARG A 143 -0.43 -17.30 7.53
CA ARG A 143 -0.80 -16.96 8.91
CA ARG A 143 -0.72 -16.98 8.92
C ARG A 143 -0.05 -15.75 9.45
C ARG A 143 -0.07 -15.68 9.35
N ARG A 144 -0.77 -14.92 10.22
CA ARG A 144 -0.29 -13.61 10.67
C ARG A 144 1.06 -13.71 11.38
N GLU A 145 1.21 -14.64 12.32
CA GLU A 145 2.49 -14.74 13.04
C GLU A 145 3.65 -14.87 12.05
N ASP A 146 3.51 -15.75 11.05
CA ASP A 146 4.60 -16.01 10.13
C ASP A 146 4.79 -14.86 9.15
N VAL A 147 3.69 -14.26 8.68
CA VAL A 147 3.78 -13.19 7.70
C VAL A 147 4.41 -11.96 8.32
N LEU A 148 3.94 -11.54 9.50
CA LEU A 148 4.50 -10.34 10.11
C LEU A 148 5.97 -10.55 10.45
N ALA A 149 6.29 -11.75 10.97
CA ALA A 149 7.69 -12.03 11.29
C ALA A 149 8.54 -12.00 10.03
N ALA A 150 8.05 -12.62 8.94
CA ALA A 150 8.85 -12.70 7.72
C ALA A 150 9.06 -11.33 7.12
N LEU A 151 8.01 -10.49 7.12
CA LEU A 151 8.17 -9.12 6.62
C LEU A 151 9.26 -8.37 7.36
N ARG A 152 9.40 -8.61 8.67
CA ARG A 152 10.42 -7.98 9.51
C ARG A 152 11.78 -8.65 9.46
N ASN A 153 11.97 -9.71 8.67
CA ASN A 153 13.18 -10.52 8.71
C ASN A 153 13.79 -10.58 7.30
N PRO A 154 14.29 -9.44 6.80
CA PRO A 154 14.80 -9.45 5.41
C PRO A 154 16.09 -10.24 5.25
N LYS A 155 16.84 -10.46 6.34
CA LYS A 155 18.02 -11.34 6.27
C LYS A 155 17.64 -12.73 5.79
N VAL A 156 16.51 -13.25 6.28
CA VAL A 156 16.11 -14.59 5.91
C VAL A 156 15.20 -14.56 4.68
N PHE A 157 14.25 -13.63 4.66
CA PHE A 157 13.27 -13.54 3.59
C PHE A 157 13.70 -12.37 2.70
N SER A 158 14.48 -12.69 1.68
CA SER A 158 15.13 -11.69 0.85
C SER A 158 14.19 -11.16 -0.22
N SER A 159 14.19 -9.83 -0.41
CA SER A 159 13.52 -9.19 -1.54
C SER A 159 14.41 -9.17 -2.78
N ARG A 160 15.70 -8.93 -2.58
N ARG A 160 15.71 -8.92 -2.58
CA ARG A 160 16.61 -8.85 -3.71
CA ARG A 160 16.64 -8.85 -3.70
C ARG A 160 16.64 -10.16 -4.49
C ARG A 160 16.65 -10.17 -4.48
N LYS A 161 16.69 -11.30 -3.78
CA LYS A 161 16.70 -12.59 -4.45
C LYS A 161 15.40 -12.87 -5.21
N ALA A 162 14.33 -12.14 -4.92
CA ALA A 162 13.06 -12.44 -5.56
C ALA A 162 12.64 -11.44 -6.64
N LEU A 163 13.10 -10.19 -6.58
N LEU A 163 13.12 -10.20 -6.57
CA LEU A 163 12.37 -9.08 -7.19
CA LEU A 163 12.54 -9.12 -7.34
C LEU A 163 13.15 -8.30 -8.25
C LEU A 163 13.52 -8.44 -8.31
N GLN A 164 14.19 -8.88 -8.82
N GLN A 164 14.79 -8.83 -8.31
CA GLN A 164 14.89 -8.27 -9.95
CA GLN A 164 15.75 -8.26 -9.23
C GLN A 164 14.87 -9.27 -11.10
C GLN A 164 15.76 -9.11 -10.49
N PRO A 165 14.26 -8.94 -12.24
N PRO A 165 15.21 -8.64 -11.61
CA PRO A 165 14.45 -9.77 -13.43
CA PRO A 165 15.12 -9.47 -12.81
C PRO A 165 15.93 -9.82 -13.81
C PRO A 165 16.48 -9.94 -13.28
N PRO A 166 16.45 -10.99 -14.17
N PRO A 166 16.53 -10.99 -14.13
CA PRO A 166 17.85 -11.24 -14.54
CA PRO A 166 17.80 -11.54 -14.61
C PRO A 166 18.43 -10.23 -15.54
C PRO A 166 18.53 -10.62 -15.59
N ASN A 168 17.09 -7.79 -16.90
CA ASN A 168 17.05 -6.34 -16.72
C ASN A 168 18.24 -5.85 -15.87
N PRO A 169 19.11 -5.04 -16.49
CA PRO A 169 20.22 -4.43 -15.76
C PRO A 169 19.83 -3.17 -15.02
N LEU A 170 18.60 -2.70 -15.14
CA LEU A 170 18.20 -1.49 -14.49
C LEU A 170 17.75 -1.82 -13.07
N PRO A 171 18.42 -1.30 -12.03
CA PRO A 171 18.09 -1.70 -10.66
C PRO A 171 16.69 -1.27 -10.29
N VAL A 172 15.96 -2.16 -9.63
CA VAL A 172 14.57 -1.85 -9.21
C VAL A 172 14.70 -1.20 -7.84
N VAL A 173 14.97 0.10 -7.84
CA VAL A 173 15.22 0.88 -6.61
C VAL A 173 13.88 1.34 -6.04
N PRO A 174 13.57 1.06 -4.74
CA PRO A 174 14.30 0.26 -3.73
C PRO A 174 13.73 -1.15 -3.52
N LEU A 175 12.74 -1.54 -4.32
CA LEU A 175 12.01 -2.78 -4.09
C LEU A 175 12.93 -3.99 -4.04
N ALA A 176 13.91 -4.06 -4.94
CA ALA A 176 14.72 -5.28 -5.13
C ALA A 176 16.04 -5.20 -4.35
N PHE A 177 16.05 -4.59 -3.16
CA PHE A 177 17.25 -4.44 -2.37
C PHE A 177 16.99 -4.91 -0.95
N ASP A 178 18.03 -5.47 -0.33
CA ASP A 178 18.02 -5.83 1.09
C ASP A 178 18.87 -4.84 1.87
N PRO A 179 18.69 -4.76 3.19
CA PRO A 179 19.63 -3.96 3.99
C PRO A 179 21.03 -4.51 3.86
N PRO A 180 22.06 -3.64 3.90
CA PRO A 180 22.03 -2.18 4.14
C PRO A 180 21.74 -1.31 2.92
N GLU A 181 21.87 -1.81 1.68
CA GLU A 181 21.59 -0.97 0.51
C GLU A 181 20.17 -0.43 0.55
N HIS A 182 19.21 -1.28 0.91
CA HIS A 182 17.82 -0.87 0.98
C HIS A 182 17.65 0.27 1.98
N THR A 183 18.35 0.19 3.12
CA THR A 183 18.21 1.17 4.19
C THR A 183 18.63 2.56 3.73
N ARG A 184 19.70 2.64 2.95
CA ARG A 184 20.14 3.92 2.40
C ARG A 184 19.09 4.51 1.45
N TYR A 185 18.51 3.67 0.57
CA TYR A 185 17.47 4.16 -0.33
C TYR A 185 16.28 4.72 0.46
N ARG A 186 15.87 4.02 1.53
CA ARG A 186 14.74 4.51 2.31
C ARG A 186 15.09 5.81 3.03
N ARG A 187 16.33 5.94 3.54
CA ARG A 187 16.72 7.16 4.24
C ARG A 187 16.69 8.35 3.28
N ILE A 188 17.13 8.13 2.04
CA ILE A 188 17.20 9.18 1.03
C ILE A 188 15.81 9.54 0.52
N LEU A 189 14.96 8.55 0.29
CA LEU A 189 13.69 8.80 -0.39
C LEU A 189 12.55 9.18 0.54
N GLN A 190 12.49 8.66 1.77
CA GLN A 190 11.34 8.95 2.62
C GLN A 190 11.09 10.44 2.88
N PRO A 191 12.09 11.33 2.97
CA PRO A 191 11.78 12.76 3.12
C PRO A 191 10.91 13.32 2.02
N TYR A 192 10.96 12.74 0.81
CA TYR A 192 10.18 13.31 -0.29
C TYR A 192 8.76 12.77 -0.34
N PHE A 193 8.50 11.65 0.32
CA PHE A 193 7.24 10.92 0.27
C PHE A 193 6.43 11.00 1.56
N SER A 194 6.84 11.84 2.50
CA SER A 194 6.19 11.85 3.81
C SER A 194 4.92 12.68 3.80
N PRO A 195 4.06 12.53 4.82
CA PRO A 195 2.95 13.49 4.98
C PRO A 195 3.38 14.95 4.97
N ALA A 196 4.48 15.31 5.65
CA ALA A 196 4.91 16.71 5.66
C ALA A 196 5.28 17.17 4.26
N ALA A 197 6.00 16.32 3.51
CA ALA A 197 6.40 16.68 2.15
C ALA A 197 5.19 16.81 1.23
N LEU A 198 4.31 15.81 1.27
CA LEU A 198 3.21 15.80 0.30
C LEU A 198 2.16 16.87 0.61
N SER A 199 2.10 17.37 1.85
CA SER A 199 1.16 18.43 2.16
C SER A 199 1.37 19.66 1.29
N LYS A 200 2.63 19.95 0.93
CA LYS A 200 2.94 21.08 0.06
C LYS A 200 2.37 20.88 -1.34
N ALA A 201 2.06 19.66 -1.74
CA ALA A 201 1.50 19.40 -3.08
C ALA A 201 -0.01 19.41 -3.12
N LEU A 202 -0.63 19.46 -1.95
CA LEU A 202 -2.07 19.20 -1.88
C LEU A 202 -2.91 20.22 -2.63
N PRO A 203 -2.64 21.53 -2.60
CA PRO A 203 -3.44 22.44 -3.45
C PRO A 203 -3.41 22.05 -4.92
N SER A 204 -2.24 21.68 -5.44
N SER A 204 -2.23 21.70 -5.46
CA SER A 204 -2.10 21.23 -6.81
CA SER A 204 -2.14 21.24 -6.85
C SER A 204 -2.91 19.97 -7.07
C SER A 204 -2.97 19.97 -7.06
N LEU A 205 -2.76 18.96 -6.21
CA LEU A 205 -3.48 17.71 -6.37
C LEU A 205 -4.98 17.93 -6.26
N ARG A 206 -5.41 18.79 -5.35
N ARG A 206 -5.40 18.80 -5.34
CA ARG A 206 -6.84 19.05 -5.18
CA ARG A 206 -6.82 19.06 -5.17
C ARG A 206 -7.40 19.76 -6.41
C ARG A 206 -7.40 19.77 -6.39
N ARG A 207 -6.70 20.79 -6.90
CA ARG A 207 -7.14 21.46 -8.12
C ARG A 207 -7.30 20.48 -9.28
N HIS A 208 -6.32 19.59 -9.50
CA HIS A 208 -6.45 18.67 -10.64
C HIS A 208 -7.55 17.63 -10.43
N THR A 209 -7.75 17.19 -9.17
CA THR A 209 -8.80 16.22 -8.89
C THR A 209 -10.18 16.83 -9.07
N VAL A 210 -10.35 18.10 -8.64
CA VAL A 210 -11.61 18.80 -8.88
C VAL A 210 -11.92 18.86 -10.37
N ALA A 211 -10.91 19.19 -11.18
CA ALA A 211 -11.12 19.26 -12.62
C ALA A 211 -11.53 17.90 -13.18
N MET A 212 -10.92 16.82 -12.69
CA MET A 212 -11.27 15.50 -13.24
C MET A 212 -12.70 15.12 -12.85
N ILE A 213 -13.08 15.36 -11.59
CA ILE A 213 -14.44 15.05 -11.17
C ILE A 213 -15.44 15.90 -11.95
N ASP A 214 -15.12 17.19 -12.18
N ASP A 214 -15.13 17.19 -12.13
CA ASP A 214 -16.01 18.04 -12.96
CA ASP A 214 -15.96 18.06 -12.97
C ASP A 214 -16.19 17.53 -14.38
C ASP A 214 -16.22 17.42 -14.32
N ALA A 215 -15.16 16.94 -14.97
CA ALA A 215 -15.31 16.31 -16.29
C ALA A 215 -16.28 15.13 -16.24
N ILE A 216 -16.30 14.38 -15.14
CA ILE A 216 -17.19 13.22 -15.01
C ILE A 216 -18.61 13.64 -14.67
N ALA A 217 -18.76 14.56 -13.72
CA ALA A 217 -20.05 14.84 -13.10
C ALA A 217 -21.10 15.21 -14.14
N GLY A 218 -20.71 16.04 -15.12
CA GLY A 218 -21.63 16.55 -16.10
C GLY A 218 -22.12 15.52 -17.09
N ARG A 219 -21.60 14.31 -17.02
CA ARG A 219 -22.00 13.24 -17.94
C ARG A 219 -23.19 12.44 -17.45
N GLY A 220 -23.43 12.38 -16.13
CA GLY A 220 -24.55 11.61 -15.61
C GLY A 220 -24.35 10.10 -15.60
N GLU A 221 -23.24 9.60 -16.12
CA GLU A 221 -22.94 8.18 -16.12
C GLU A 221 -21.51 8.01 -16.55
N CYS A 222 -20.91 6.89 -16.14
CA CYS A 222 -19.57 6.56 -16.64
C CYS A 222 -19.34 5.07 -16.46
N GLU A 223 -18.32 4.56 -17.14
CA GLU A 223 -17.69 3.30 -16.77
C GLU A 223 -16.40 3.72 -16.05
N ALA A 224 -16.45 3.64 -14.72
CA ALA A 224 -15.54 4.37 -13.86
C ALA A 224 -14.11 3.90 -13.98
N MET A 225 -13.89 2.63 -14.35
CA MET A 225 -12.50 2.20 -14.53
C MET A 225 -11.87 2.88 -15.75
N ALA A 226 -12.45 2.67 -16.96
CA ALA A 226 -11.87 3.24 -18.17
C ALA A 226 -11.94 4.76 -18.17
N ASP A 227 -13.02 5.32 -17.63
CA ASP A 227 -13.28 6.74 -17.77
C ASP A 227 -12.58 7.61 -16.74
N LEU A 228 -12.19 7.05 -15.58
CA LEU A 228 -11.61 7.84 -14.50
C LEU A 228 -10.47 7.10 -13.82
N ALA A 229 -10.74 5.91 -13.26
CA ALA A 229 -9.75 5.27 -12.39
C ALA A 229 -8.45 4.97 -13.13
N ASN A 230 -8.54 4.59 -14.43
CA ASN A 230 -7.35 4.25 -15.22
C ASN A 230 -6.50 5.47 -15.56
N LEU A 231 -7.09 6.66 -15.51
CA LEU A 231 -6.43 7.90 -15.91
C LEU A 231 -5.96 8.74 -14.71
N PHE A 232 -6.71 8.69 -13.61
CA PHE A 232 -6.48 9.58 -12.46
C PHE A 232 -5.08 9.46 -11.87
N PRO A 233 -4.54 8.26 -11.59
CA PRO A 233 -3.17 8.20 -11.02
C PRO A 233 -2.10 8.81 -11.90
N PHE A 234 -2.09 8.49 -13.20
CA PHE A 234 -1.03 9.03 -14.03
C PHE A 234 -1.19 10.53 -14.17
N GLN A 235 -2.44 11.02 -14.21
CA GLN A 235 -2.64 12.47 -14.27
C GLN A 235 -1.96 13.15 -13.08
N LEU A 236 -2.21 12.64 -11.86
CA LEU A 236 -1.60 13.27 -10.70
C LEU A 236 -0.10 13.06 -10.63
N PHE A 237 0.38 11.93 -11.14
CA PHE A 237 1.81 11.67 -11.19
C PHE A 237 2.52 12.73 -12.02
N LEU A 238 1.95 13.07 -13.18
CA LEU A 238 2.55 14.08 -14.03
C LEU A 238 2.61 15.43 -13.31
N VAL A 239 1.55 15.74 -12.55
CA VAL A 239 1.52 16.98 -11.78
C VAL A 239 2.58 16.96 -10.68
N LEU A 240 2.66 15.85 -9.96
CA LEU A 240 3.57 15.75 -8.83
C LEU A 240 5.03 15.91 -9.25
N TYR A 241 5.43 15.24 -10.34
CA TYR A 241 6.84 15.18 -10.73
C TYR A 241 7.17 16.12 -11.88
N GLY A 242 6.24 16.99 -12.25
CA GLY A 242 6.56 18.05 -13.21
C GLY A 242 6.80 17.55 -14.62
N LEU A 243 6.07 16.58 -15.06
CA LEU A 243 6.13 16.01 -16.41
C LEU A 243 5.04 16.61 -17.31
N PRO A 244 5.28 16.67 -18.62
CA PRO A 244 4.33 17.33 -19.53
C PRO A 244 2.97 16.63 -19.50
N LEU A 245 1.92 17.42 -19.27
CA LEU A 245 0.59 16.84 -19.13
C LEU A 245 0.11 16.19 -20.43
N GLU A 246 0.61 16.67 -21.57
CA GLU A 246 0.21 16.10 -22.84
C GLU A 246 0.85 14.75 -23.10
N ASP A 247 1.77 14.31 -22.25
CA ASP A 247 2.37 12.98 -22.41
C ASP A 247 1.56 11.88 -21.72
N ARG A 248 0.40 12.20 -21.12
CA ARG A 248 -0.28 11.22 -20.28
C ARG A 248 -0.67 9.98 -21.07
N ASP A 249 -1.26 10.15 -22.24
CA ASP A 249 -1.83 8.95 -22.86
C ASP A 249 -0.75 8.07 -23.50
N ARG A 250 0.32 8.67 -24.07
CA ARG A 250 1.50 7.88 -24.48
C ARG A 250 2.04 7.07 -23.31
N LEU A 251 2.26 7.74 -22.18
CA LEU A 251 2.83 7.09 -21.00
C LEU A 251 1.93 5.99 -20.45
N ILE A 252 0.61 6.23 -20.37
CA ILE A 252 -0.30 5.16 -19.97
C ILE A 252 -0.16 3.97 -20.90
N GLY A 253 -0.06 4.22 -22.21
CA GLY A 253 0.10 3.15 -23.17
C GLY A 253 1.37 2.34 -22.93
N TRP A 254 2.49 3.02 -22.70
CA TRP A 254 3.73 2.30 -22.39
C TRP A 254 3.59 1.50 -21.10
N LYS A 255 3.07 2.13 -20.04
CA LYS A 255 2.86 1.44 -18.76
C LYS A 255 2.05 0.15 -18.95
N ASP A 256 0.92 0.25 -19.66
CA ASP A 256 0.06 -0.91 -19.87
C ASP A 256 0.82 -2.01 -20.60
N ALA A 257 1.63 -1.66 -21.58
CA ALA A 257 2.33 -2.69 -22.32
C ALA A 257 3.44 -3.32 -21.48
N VAL A 258 4.18 -2.51 -20.74
CA VAL A 258 5.28 -3.05 -19.94
C VAL A 258 4.73 -3.91 -18.80
N ILE A 259 3.60 -3.52 -18.22
CA ILE A 259 2.99 -4.38 -17.21
C ILE A 259 2.53 -5.70 -17.84
N ALA A 260 1.90 -5.62 -19.02
CA ALA A 260 1.36 -6.83 -19.63
C ALA A 260 2.47 -7.83 -19.98
N MET A 261 3.65 -7.34 -20.35
CA MET A 261 4.70 -8.21 -20.86
C MET A 261 5.56 -8.83 -19.77
N SER A 262 5.46 -8.34 -18.53
CA SER A 262 6.29 -8.89 -17.46
C SER A 262 6.07 -10.40 -17.29
N ASP A 263 4.87 -10.87 -17.61
CA ASP A 263 4.51 -12.28 -17.53
C ASP A 263 4.96 -13.12 -18.74
N ARG A 264 5.46 -12.48 -19.79
CA ARG A 264 5.64 -13.17 -21.07
C ARG A 264 7.06 -13.73 -21.17
N PRO A 265 7.23 -15.03 -21.38
CA PRO A 265 8.59 -15.56 -21.59
C PRO A 265 9.20 -15.10 -22.91
N HIS A 266 8.38 -14.70 -23.88
CA HIS A 266 8.84 -14.29 -25.20
C HIS A 266 8.02 -13.08 -25.62
N PRO A 267 8.42 -11.88 -25.20
CA PRO A 267 7.67 -10.68 -25.55
C PRO A 267 7.66 -10.46 -27.05
N THR A 268 6.55 -9.88 -27.53
CA THR A 268 6.41 -9.52 -28.95
C THR A 268 7.31 -8.34 -29.30
N GLU A 269 7.47 -8.09 -30.60
CA GLU A 269 8.22 -6.90 -31.02
C GLU A 269 7.56 -5.63 -30.50
N ALA A 270 6.25 -5.62 -30.33
CA ALA A 270 5.58 -4.44 -29.80
C ALA A 270 5.91 -4.26 -28.33
N ASP A 271 6.01 -5.36 -27.59
CA ASP A 271 6.38 -5.30 -26.17
C ASP A 271 7.77 -4.72 -26.00
N VAL A 272 8.75 -5.26 -26.72
N VAL A 272 8.75 -5.24 -26.73
CA VAL A 272 10.13 -4.79 -26.61
CA VAL A 272 10.13 -4.78 -26.56
C VAL A 272 10.22 -3.32 -26.94
C VAL A 272 10.25 -3.31 -26.96
N ALA A 273 9.51 -2.89 -27.99
CA ALA A 273 9.56 -1.50 -28.42
C ALA A 273 8.91 -0.59 -27.40
N ALA A 274 7.80 -1.03 -26.79
CA ALA A 274 7.16 -0.22 -25.75
C ALA A 274 8.11 0.00 -24.58
N ALA A 275 8.79 -1.06 -24.14
CA ALA A 275 9.75 -0.93 -23.05
C ALA A 275 10.91 -0.04 -23.45
N ARG A 276 11.39 -0.16 -24.69
N ARG A 276 11.38 -0.15 -24.68
CA ARG A 276 12.48 0.69 -25.15
CA ARG A 276 12.47 0.69 -25.17
C ARG A 276 12.06 2.16 -25.19
C ARG A 276 12.06 2.16 -25.21
N GLU A 277 10.84 2.44 -25.65
CA GLU A 277 10.40 3.82 -25.76
C GLU A 277 10.21 4.47 -24.41
N LEU A 278 9.72 3.71 -23.42
CA LEU A 278 9.58 4.24 -22.06
C LEU A 278 10.94 4.49 -21.43
N LEU A 279 11.88 3.56 -21.60
CA LEU A 279 13.24 3.76 -21.09
C LEU A 279 13.89 5.01 -21.69
N GLU A 280 13.76 5.19 -23.00
CA GLU A 280 14.36 6.35 -23.66
C GLU A 280 13.73 7.65 -23.16
N TYR A 281 12.41 7.65 -22.98
CA TYR A 281 11.72 8.85 -22.48
C TYR A 281 12.18 9.20 -21.05
N LEU A 282 12.20 8.20 -20.15
CA LEU A 282 12.62 8.47 -18.78
C LEU A 282 14.12 8.78 -18.71
N THR A 283 14.94 8.19 -19.58
CA THR A 283 16.37 8.49 -19.57
C THR A 283 16.61 9.96 -19.87
N ALA A 284 15.91 10.50 -20.87
CA ALA A 284 16.11 11.89 -21.23
C ALA A 284 15.62 12.82 -20.13
N MET A 285 14.48 12.47 -19.52
CA MET A 285 13.94 13.26 -18.43
C MET A 285 14.92 13.31 -17.25
N VAL A 286 15.44 12.14 -16.83
CA VAL A 286 16.34 12.12 -15.68
C VAL A 286 17.63 12.89 -15.98
N ALA A 287 18.18 12.77 -17.20
CA ALA A 287 19.41 13.50 -17.52
C ALA A 287 19.18 15.00 -17.51
N GLU A 288 18.01 15.44 -17.97
CA GLU A 288 17.73 16.87 -17.95
C GLU A 288 17.61 17.37 -16.51
N ARG A 289 16.98 16.59 -15.62
CA ARG A 289 16.88 16.98 -14.21
C ARG A 289 18.26 17.06 -13.55
N ARG A 290 19.22 16.24 -14.00
CA ARG A 290 20.55 16.32 -13.41
C ARG A 290 21.32 17.54 -13.89
N ARG A 291 21.13 17.93 -15.16
N ARG A 291 21.13 17.96 -15.15
CA ARG A 291 21.79 19.13 -15.69
CA ARG A 291 21.82 19.14 -15.65
C ARG A 291 21.19 20.41 -15.12
C ARG A 291 21.19 20.43 -15.15
N ASN A 292 19.86 20.48 -15.04
CA ASN A 292 19.16 21.70 -14.63
C ASN A 292 18.24 21.41 -13.46
N PRO A 293 18.77 21.19 -12.27
CA PRO A 293 17.93 20.73 -11.16
C PRO A 293 17.02 21.85 -10.67
N GLY A 294 15.75 21.53 -10.46
CA GLY A 294 14.83 22.47 -9.88
C GLY A 294 14.35 21.98 -8.54
N PRO A 295 13.41 22.72 -7.94
N PRO A 295 13.31 22.62 -7.98
CA PRO A 295 12.76 22.28 -6.71
CA PRO A 295 12.87 22.25 -6.62
C PRO A 295 11.71 21.21 -6.98
C PRO A 295 12.39 20.81 -6.47
N ASP A 296 12.16 20.10 -7.57
CA ASP A 296 11.37 18.88 -7.64
C ASP A 296 12.15 17.65 -7.16
N VAL A 297 11.39 16.57 -6.87
CA VAL A 297 11.94 15.36 -6.25
C VAL A 297 13.00 14.73 -7.15
N LEU A 298 12.66 14.57 -8.43
CA LEU A 298 13.59 13.83 -9.28
C LEU A 298 14.89 14.61 -9.48
N SER A 299 14.84 15.94 -9.41
CA SER A 299 16.10 16.70 -9.42
C SER A 299 16.87 16.51 -8.12
N GLN A 300 16.18 16.65 -6.98
CA GLN A 300 16.86 16.81 -5.71
C GLN A 300 17.46 15.51 -5.19
N VAL A 301 16.85 14.35 -5.48
CA VAL A 301 17.46 13.08 -5.11
C VAL A 301 18.83 12.91 -5.77
N GLN A 302 19.10 13.63 -6.86
CA GLN A 302 20.37 13.51 -7.59
C GLN A 302 21.46 14.44 -7.09
N ILE A 303 21.20 15.28 -6.08
CA ILE A 303 22.20 16.16 -5.52
C ILE A 303 22.17 16.04 -3.99
N GLY A 304 23.03 16.81 -3.34
CA GLY A 304 23.14 16.77 -1.90
C GLY A 304 24.23 15.84 -1.41
N GLU A 305 24.16 15.54 -0.11
CA GLU A 305 25.23 14.78 0.55
C GLU A 305 25.38 13.39 -0.07
N ASP A 306 24.26 12.67 -0.23
CA ASP A 306 24.25 11.33 -0.81
C ASP A 306 23.37 11.33 -2.06
N PRO A 307 23.93 11.59 -3.23
CA PRO A 307 23.14 11.63 -4.46
C PRO A 307 22.78 10.23 -4.93
N LEU A 308 21.67 10.16 -5.66
CA LEU A 308 21.38 8.96 -6.45
C LEU A 308 21.98 9.15 -7.84
N SER A 309 22.49 8.07 -8.41
CA SER A 309 22.98 8.15 -9.78
C SER A 309 21.79 8.26 -10.74
N GLU A 310 22.08 8.58 -12.00
CA GLU A 310 21.00 8.63 -12.99
C GLU A 310 20.34 7.26 -13.13
N ILE A 311 21.14 6.19 -13.19
CA ILE A 311 20.55 4.86 -13.34
C ILE A 311 19.68 4.51 -12.11
N GLU A 312 20.08 4.93 -10.91
CA GLU A 312 19.21 4.68 -9.75
C GLU A 312 17.89 5.45 -9.85
N VAL A 313 17.94 6.72 -10.25
CA VAL A 313 16.69 7.47 -10.38
C VAL A 313 15.87 6.93 -11.53
N LEU A 314 16.54 6.43 -12.58
CA LEU A 314 15.85 5.81 -13.70
C LEU A 314 15.12 4.55 -13.26
N GLY A 315 15.80 3.71 -12.48
CA GLY A 315 15.15 2.52 -11.92
C GLY A 315 14.00 2.88 -11.00
N LEU A 316 14.20 3.90 -10.18
CA LEU A 316 13.12 4.36 -9.31
C LEU A 316 11.91 4.82 -10.12
N SER A 317 12.16 5.63 -11.15
CA SER A 317 11.10 6.21 -11.98
C SER A 317 10.27 5.12 -12.63
N HIS A 318 10.94 4.10 -13.18
N HIS A 318 10.94 4.12 -13.20
CA HIS A 318 10.23 2.93 -13.72
CA HIS A 318 10.26 2.93 -13.69
C HIS A 318 9.38 2.25 -12.65
C HIS A 318 9.36 2.34 -12.62
N LEU A 319 9.93 2.06 -11.45
CA LEU A 319 9.18 1.39 -10.39
C LEU A 319 7.95 2.19 -9.99
N LEU A 320 8.08 3.51 -9.86
CA LEU A 320 6.91 4.28 -9.45
C LEU A 320 5.82 4.15 -10.48
N ILE A 321 6.19 4.17 -11.76
CA ILE A 321 5.21 4.13 -12.82
C ILE A 321 4.54 2.76 -12.88
N LEU A 322 5.33 1.69 -12.78
CA LEU A 322 4.80 0.33 -12.94
C LEU A 322 4.15 -0.20 -11.68
N ALA A 323 4.47 0.33 -10.50
CA ALA A 323 3.91 -0.17 -9.25
C ALA A 323 3.07 0.83 -8.46
N GLY A 324 3.22 2.13 -8.68
CA GLY A 324 2.47 3.08 -7.89
C GLY A 324 1.18 3.63 -8.50
N LEU A 325 0.84 3.25 -9.73
CA LEU A 325 -0.29 3.85 -10.44
C LEU A 325 -1.50 2.91 -10.52
N ASP A 326 -1.30 1.68 -11.06
CA ASP A 326 -2.41 0.72 -11.16
C ASP A 326 -2.92 0.27 -9.79
N THR A 327 -2.06 0.28 -8.78
CA THR A 327 -2.52 0.03 -7.42
C THR A 327 -3.58 1.04 -6.98
N VAL A 328 -3.33 2.34 -7.23
CA VAL A 328 -4.32 3.37 -6.87
C VAL A 328 -5.55 3.23 -7.74
N THR A 329 -5.36 2.95 -9.05
CA THR A 329 -6.50 2.68 -9.94
C THR A 329 -7.42 1.62 -9.35
N ALA A 330 -6.85 0.51 -8.92
CA ALA A 330 -7.68 -0.56 -8.38
C ALA A 330 -8.43 -0.09 -7.15
N ALA A 331 -7.77 0.65 -6.26
CA ALA A 331 -8.41 1.09 -5.02
C ALA A 331 -9.49 2.14 -5.29
N VAL A 332 -9.30 2.97 -6.30
N VAL A 332 -9.35 2.95 -6.33
CA VAL A 332 -10.35 3.88 -6.75
CA VAL A 332 -10.43 3.89 -6.62
C VAL A 332 -11.61 3.09 -7.05
C VAL A 332 -11.66 3.16 -7.16
N GLY A 333 -11.48 2.03 -7.86
CA GLY A 333 -12.64 1.25 -8.26
C GLY A 333 -13.37 0.65 -7.07
N PHE A 334 -12.65 -0.01 -6.17
CA PHE A 334 -13.31 -0.56 -4.98
C PHE A 334 -13.92 0.53 -4.10
N SER A 335 -13.31 1.71 -4.02
CA SER A 335 -13.88 2.78 -3.22
C SER A 335 -15.22 3.22 -3.80
N LEU A 336 -15.28 3.43 -5.13
CA LEU A 336 -16.51 3.88 -5.76
C LEU A 336 -17.57 2.80 -5.74
N LEU A 337 -17.16 1.53 -5.95
CA LEU A 337 -18.13 0.44 -5.86
C LEU A 337 -18.83 0.44 -4.51
N GLU A 338 -18.06 0.53 -3.42
N GLU A 338 -18.06 0.54 -3.43
CA GLU A 338 -18.69 0.42 -2.10
CA GLU A 338 -18.65 0.43 -2.09
C GLU A 338 -19.55 1.63 -1.78
C GLU A 338 -19.54 1.63 -1.78
N LEU A 339 -19.10 2.84 -2.14
CA LEU A 339 -19.94 4.02 -1.97
C LEU A 339 -21.23 3.91 -2.77
N ALA A 340 -21.15 3.39 -3.99
CA ALA A 340 -22.32 3.27 -4.86
C ALA A 340 -23.42 2.40 -4.24
N ARG A 341 -23.02 1.38 -3.49
N ARG A 341 -23.08 1.41 -3.43
CA ARG A 341 -23.95 0.44 -2.86
CA ARG A 341 -24.15 0.60 -2.87
C ARG A 341 -24.55 0.95 -1.55
C ARG A 341 -24.39 0.85 -1.37
N ARG A 342 -23.95 1.98 -0.94
N ARG A 342 -24.03 2.03 -0.87
CA ARG A 342 -24.25 2.36 0.45
CA ARG A 342 -24.22 2.37 0.54
C ARG A 342 -24.63 3.83 0.58
C ARG A 342 -24.64 3.83 0.67
N PRO A 343 -25.91 4.16 0.37
CA PRO A 343 -26.33 5.59 0.42
C PRO A 343 -26.09 6.30 1.75
N GLN A 344 -26.41 5.66 2.87
CA GLN A 344 -26.23 6.34 4.14
C GLN A 344 -24.75 6.57 4.43
N LEU A 345 -23.90 5.60 4.10
CA LEU A 345 -22.46 5.81 4.21
C LEU A 345 -21.99 6.98 3.38
N ARG A 346 -22.44 7.07 2.11
CA ARG A 346 -22.12 8.21 1.27
C ARG A 346 -22.44 9.51 1.99
N ALA A 347 -23.62 9.58 2.62
CA ALA A 347 -24.08 10.82 3.24
C ALA A 347 -23.22 11.17 4.45
N MET A 348 -22.88 10.17 5.26
N MET A 348 -22.82 10.16 5.23
CA MET A 348 -22.01 10.43 6.40
CA MET A 348 -22.02 10.44 6.41
C MET A 348 -20.66 10.97 5.94
C MET A 348 -20.58 10.79 6.07
N LEU A 349 -20.09 10.34 4.91
CA LEU A 349 -18.72 10.64 4.49
C LEU A 349 -18.58 11.99 3.80
N ARG A 350 -19.62 12.48 3.15
CA ARG A 350 -19.48 13.67 2.33
C ARG A 350 -19.05 14.82 3.24
N ASP A 351 -18.03 15.56 2.82
N ASP A 351 -18.03 15.55 2.84
CA ASP A 351 -17.50 16.68 3.59
CA ASP A 351 -17.54 16.70 3.61
C ASP A 351 -17.04 16.24 4.99
C ASP A 351 -17.01 16.25 4.99
N ASN A 352 -16.54 15.01 5.10
CA ASN A 352 -16.11 14.46 6.38
C ASN A 352 -14.74 13.84 6.23
N PRO A 353 -13.68 14.66 6.13
CA PRO A 353 -12.36 14.09 5.80
C PRO A 353 -11.87 13.05 6.80
N LYS A 354 -12.26 13.18 8.07
CA LYS A 354 -11.75 12.23 9.06
C LYS A 354 -12.31 10.83 8.83
N GLN A 355 -13.61 10.72 8.52
CA GLN A 355 -14.22 9.43 8.24
C GLN A 355 -13.89 8.92 6.83
N ILE A 356 -13.66 9.82 5.89
CA ILE A 356 -13.20 9.39 4.57
C ILE A 356 -11.87 8.66 4.71
N ARG A 357 -10.97 9.16 5.56
CA ARG A 357 -9.71 8.44 5.81
C ARG A 357 -9.97 7.05 6.40
N VAL A 358 -10.88 6.96 7.38
CA VAL A 358 -11.25 5.63 7.92
C VAL A 358 -11.71 4.70 6.79
N PHE A 359 -12.59 5.20 5.92
CA PHE A 359 -13.13 4.43 4.79
C PHE A 359 -12.03 3.94 3.84
N ILE A 360 -11.14 4.83 3.42
N ILE A 360 -11.14 4.82 3.37
CA ILE A 360 -10.08 4.47 2.48
CA ILE A 360 -10.14 4.30 2.42
C ILE A 360 -9.16 3.42 3.07
C ILE A 360 -9.23 3.27 3.08
N GLU A 361 -8.94 3.45 4.39
N GLU A 361 -8.95 3.43 4.38
CA GLU A 361 -8.13 2.41 5.03
CA GLU A 361 -8.16 2.44 5.09
C GLU A 361 -8.83 1.05 4.95
C GLU A 361 -8.82 1.06 5.02
N GLU A 362 -10.14 1.03 5.17
CA GLU A 362 -10.88 -0.21 5.05
C GLU A 362 -10.82 -0.77 3.63
N ILE A 363 -10.88 0.10 2.60
CA ILE A 363 -10.79 -0.37 1.21
C ILE A 363 -9.42 -0.99 0.95
N VAL A 364 -8.37 -0.34 1.41
CA VAL A 364 -7.04 -0.92 1.18
C VAL A 364 -6.87 -2.21 2.02
N ARG A 365 -7.36 -2.23 3.25
CA ARG A 365 -7.30 -3.47 4.05
C ARG A 365 -8.00 -4.64 3.37
N LEU A 366 -9.21 -4.42 2.85
CA LEU A 366 -10.04 -5.49 2.32
C LEU A 366 -9.73 -5.83 0.87
N GLU A 367 -9.28 -4.85 0.07
CA GLU A 367 -9.03 -5.08 -1.36
C GLU A 367 -7.65 -4.54 -1.72
N PRO A 368 -6.61 -5.02 -1.03
CA PRO A 368 -5.27 -4.49 -1.33
C PRO A 368 -4.87 -4.88 -2.73
N SER A 369 -4.31 -3.90 -3.40
CA SER A 369 -4.06 -4.03 -4.82
C SER A 369 -2.94 -5.03 -5.11
N ALA A 370 -2.07 -5.29 -4.15
CA ALA A 370 -0.94 -6.23 -4.31
C ALA A 370 -1.02 -7.18 -3.13
N PRO A 371 -1.88 -8.22 -3.20
CA PRO A 371 -2.28 -8.95 -1.98
C PRO A 371 -1.21 -9.87 -1.40
N VAL A 372 -0.12 -10.13 -2.12
CA VAL A 372 0.96 -10.99 -1.65
C VAL A 372 2.30 -10.33 -1.95
N ALA A 373 3.28 -10.58 -1.09
CA ALA A 373 4.65 -10.07 -1.30
C ALA A 373 5.57 -11.26 -1.51
N PRO A 374 6.32 -11.30 -2.62
CA PRO A 374 7.24 -12.41 -2.86
C PRO A 374 8.60 -12.20 -2.20
N ARG A 375 9.17 -13.31 -1.74
CA ARG A 375 10.50 -13.35 -1.11
C ARG A 375 11.15 -14.67 -1.48
N VAL A 376 12.47 -14.74 -1.30
CA VAL A 376 13.20 -15.99 -1.44
C VAL A 376 14.04 -16.17 -0.19
N THR A 377 14.00 -17.36 0.39
CA THR A 377 14.70 -17.52 1.65
C THR A 377 16.19 -17.71 1.42
N THR A 378 16.99 -17.22 2.37
CA THR A 378 18.45 -17.31 2.29
C THR A 378 19.04 -18.43 3.14
N GLU A 379 18.26 -18.99 4.05
CA GLU A 379 18.69 -20.08 4.92
C GLU A 379 17.45 -20.89 5.28
N PRO A 380 17.62 -22.11 5.84
CA PRO A 380 16.41 -22.87 6.19
C PRO A 380 15.60 -22.14 7.25
N VAL A 381 14.29 -22.33 7.19
CA VAL A 381 13.41 -21.67 8.14
C VAL A 381 12.22 -22.58 8.39
N THR A 382 11.75 -22.56 9.63
CA THR A 382 10.63 -23.38 10.06
C THR A 382 9.42 -22.48 10.23
N VAL A 383 8.35 -22.79 9.50
N VAL A 383 8.31 -22.79 9.55
CA VAL A 383 7.12 -22.01 9.47
CA VAL A 383 7.19 -21.85 9.44
C VAL A 383 5.98 -23.02 9.56
C VAL A 383 5.83 -22.47 9.73
N GLY A 384 5.14 -22.89 10.59
N GLY A 384 5.61 -23.76 9.62
CA GLY A 384 4.07 -23.85 10.84
CA GLY A 384 4.34 -24.31 10.09
C GLY A 384 4.54 -25.24 11.21
C GLY A 384 4.60 -25.50 10.99
N GLY A 385 5.68 -25.36 11.88
N GLY A 385 5.74 -25.46 11.68
CA GLY A 385 6.26 -26.67 12.10
CA GLY A 385 6.37 -26.68 12.11
C GLY A 385 6.83 -27.34 10.87
C GLY A 385 6.96 -27.34 10.88
N MET A 386 6.92 -26.62 9.76
CA MET A 386 7.44 -27.12 8.50
C MET A 386 8.73 -26.39 8.15
N THR A 387 9.74 -27.13 7.77
CA THR A 387 11.02 -26.54 7.42
C THR A 387 11.13 -26.39 5.91
N LEU A 388 11.34 -25.16 5.45
CA LEU A 388 11.56 -24.81 4.04
C LEU A 388 13.05 -24.68 3.79
N PRO A 389 13.60 -25.39 2.80
CA PRO A 389 15.03 -25.29 2.50
C PRO A 389 15.40 -23.87 2.08
N ALA A 390 16.68 -23.53 2.27
CA ALA A 390 17.22 -22.30 1.69
C ALA A 390 16.88 -22.24 0.21
N GLY A 391 16.68 -21.02 -0.29
CA GLY A 391 16.37 -20.83 -1.70
C GLY A 391 14.93 -21.09 -2.07
N SER A 392 14.04 -21.22 -1.09
CA SER A 392 12.62 -21.47 -1.36
C SER A 392 11.90 -20.18 -1.77
N PRO A 393 11.09 -20.21 -2.84
CA PRO A 393 10.29 -19.04 -3.23
C PRO A 393 9.02 -18.99 -2.39
N VAL A 394 8.78 -17.83 -1.77
N VAL A 394 8.83 -17.87 -1.69
CA VAL A 394 7.75 -17.69 -0.75
CA VAL A 394 7.65 -17.78 -0.83
C VAL A 394 6.90 -16.46 -1.04
C VAL A 394 6.86 -16.54 -1.22
N ARG A 395 5.58 -16.59 -0.90
CA ARG A 395 4.67 -15.46 -1.06
C ARG A 395 4.00 -15.22 0.27
N LEU A 396 4.11 -13.99 0.78
CA LEU A 396 3.52 -13.66 2.06
C LEU A 396 2.11 -13.12 1.84
N CYS A 397 1.11 -13.68 2.54
CA CYS A 397 -0.31 -13.38 2.21
C CYS A 397 -0.84 -12.24 3.10
N MET A 398 -0.44 -11.01 2.77
N MET A 398 -0.50 -11.01 2.73
CA MET A 398 -0.96 -9.85 3.50
CA MET A 398 -0.95 -9.87 3.53
C MET A 398 -2.48 -9.79 3.47
C MET A 398 -2.46 -9.68 3.46
N ALA A 399 -3.07 -9.85 2.27
CA ALA A 399 -4.53 -9.75 2.16
C ALA A 399 -5.25 -10.77 3.05
N ALA A 400 -4.77 -12.00 3.08
CA ALA A 400 -5.42 -13.01 3.94
C ALA A 400 -5.30 -12.66 5.42
N VAL A 401 -4.12 -12.19 5.83
CA VAL A 401 -3.90 -11.78 7.22
C VAL A 401 -4.86 -10.66 7.62
N ASN A 402 -5.07 -9.69 6.71
CA ASN A 402 -5.98 -8.56 6.93
C ASN A 402 -7.40 -9.01 7.25
N ARG A 403 -7.75 -10.24 6.85
CA ARG A 403 -9.09 -10.79 7.04
C ARG A 403 -9.08 -12.02 7.96
N ASP A 404 -8.05 -12.22 8.77
CA ASP A 404 -7.96 -13.51 9.46
C ASP A 404 -8.90 -13.62 10.67
N GLY A 405 -9.67 -12.59 10.99
CA GLY A 405 -10.66 -12.70 12.05
C GLY A 405 -10.10 -12.65 13.44
N SER A 406 -8.81 -12.30 13.62
CA SER A 406 -8.22 -12.41 14.95
C SER A 406 -8.54 -11.22 15.86
N ASP A 407 -9.09 -10.14 15.33
CA ASP A 407 -9.58 -9.02 16.12
C ASP A 407 -10.66 -8.30 15.32
N ALA A 408 -11.22 -7.25 15.92
CA ALA A 408 -12.30 -6.51 15.29
C ALA A 408 -11.85 -5.74 14.04
N MET A 409 -10.54 -5.51 13.85
CA MET A 409 -9.99 -4.83 12.68
C MET A 409 -9.61 -5.81 11.56
N SER A 410 -10.03 -7.08 11.66
CA SER A 410 -9.53 -8.12 10.76
C SER A 410 -10.65 -9.01 10.22
N THR A 411 -11.85 -8.45 10.06
CA THR A 411 -12.97 -9.22 9.58
C THR A 411 -13.08 -9.05 8.07
N ASP A 412 -14.02 -9.79 7.48
CA ASP A 412 -14.31 -9.68 6.05
C ASP A 412 -15.29 -8.55 5.75
N GLU A 413 -15.69 -7.78 6.77
N GLU A 413 -15.67 -7.77 6.76
CA GLU A 413 -16.68 -6.73 6.64
CA GLU A 413 -16.65 -6.71 6.66
C GLU A 413 -16.02 -5.36 6.61
C GLU A 413 -15.99 -5.35 6.57
N LEU A 414 -16.70 -4.41 5.95
CA LEU A 414 -16.33 -3.01 6.03
C LEU A 414 -16.68 -2.53 7.44
N VAL A 415 -15.71 -1.98 8.16
CA VAL A 415 -15.90 -1.62 9.59
C VAL A 415 -15.70 -0.12 9.71
N MET A 416 -16.81 0.63 9.85
CA MET A 416 -16.76 2.08 10.02
C MET A 416 -17.04 2.40 11.50
N ASP A 417 -16.00 2.25 12.32
CA ASP A 417 -16.09 2.54 13.74
C ASP A 417 -15.35 3.81 14.13
N GLY A 418 -15.05 4.67 13.17
CA GLY A 418 -14.43 5.95 13.48
C GLY A 418 -12.94 5.91 13.73
N LYS A 419 -12.31 4.73 13.67
CA LYS A 419 -10.91 4.52 14.03
C LYS A 419 -10.07 4.10 12.84
N VAL A 420 -8.82 4.59 12.84
CA VAL A 420 -7.79 4.14 11.91
C VAL A 420 -7.37 2.71 12.27
N HIS A 421 -7.44 1.79 11.30
CA HIS A 421 -7.17 0.39 11.58
C HIS A 421 -5.78 0.00 11.12
N ARG A 422 -5.11 -0.82 11.92
CA ARG A 422 -3.89 -1.40 11.39
C ARG A 422 -4.25 -2.49 10.40
N HIS A 423 -3.42 -2.62 9.38
CA HIS A 423 -3.53 -3.65 8.36
C HIS A 423 -2.23 -3.67 7.57
N TRP A 424 -2.13 -4.67 6.68
CA TRP A 424 -0.89 -4.89 5.91
C TRP A 424 -1.12 -4.74 4.43
N GLY A 425 -2.17 -4.00 4.04
CA GLY A 425 -2.40 -3.72 2.63
C GLY A 425 -1.32 -2.87 1.97
N PHE A 426 -0.57 -2.09 2.77
CA PHE A 426 0.62 -1.39 2.26
C PHE A 426 1.90 -2.12 2.66
N GLY A 427 1.80 -3.40 2.98
CA GLY A 427 2.97 -4.15 3.41
C GLY A 427 3.34 -3.85 4.86
N GLY A 428 4.59 -4.19 5.18
CA GLY A 428 5.07 -4.04 6.54
C GLY A 428 6.53 -4.42 6.55
N GLY A 429 7.17 -4.23 7.69
CA GLY A 429 8.61 -4.29 7.73
C GLY A 429 9.22 -3.16 6.89
N PRO A 430 10.52 -3.29 6.57
CA PRO A 430 11.24 -2.15 5.96
C PRO A 430 10.75 -1.77 4.57
N HIS A 431 10.16 -2.70 3.81
CA HIS A 431 9.69 -2.40 2.47
C HIS A 431 8.30 -1.79 2.42
N ARG A 432 7.69 -1.54 3.59
CA ARG A 432 6.40 -0.85 3.71
C ARG A 432 6.27 0.21 2.62
N CYS A 433 5.18 0.15 1.85
CA CYS A 433 4.98 0.95 0.63
C CYS A 433 5.49 2.37 0.75
N LEU A 434 6.52 2.69 -0.05
CA LEU A 434 7.08 4.03 -0.06
C LEU A 434 6.00 5.06 -0.40
N GLY A 435 5.02 4.68 -1.21
CA GLY A 435 4.04 5.67 -1.64
C GLY A 435 2.80 5.65 -0.77
N SER A 436 2.87 5.04 0.43
CA SER A 436 1.64 4.81 1.18
C SER A 436 0.98 6.14 1.57
N HIS A 437 1.79 7.15 1.95
CA HIS A 437 1.22 8.45 2.30
C HIS A 437 0.55 9.08 1.08
N LEU A 438 1.22 8.97 -0.07
CA LEU A 438 0.64 9.49 -1.30
C LEU A 438 -0.65 8.77 -1.69
N ALA A 439 -0.65 7.43 -1.59
CA ALA A 439 -1.85 6.68 -1.94
C ALA A 439 -3.03 7.12 -1.10
N ARG A 440 -2.81 7.31 0.20
CA ARG A 440 -3.91 7.70 1.08
C ARG A 440 -4.38 9.09 0.73
N LEU A 441 -3.44 9.97 0.38
N LEU A 441 -3.46 10.01 0.42
CA LEU A 441 -3.78 11.34 0.01
CA LEU A 441 -3.85 11.35 0.02
C LEU A 441 -4.65 11.39 -1.24
C LEU A 441 -4.72 11.31 -1.23
N GLU A 442 -4.24 10.64 -2.28
CA GLU A 442 -4.95 10.62 -3.55
C GLU A 442 -6.32 10.01 -3.40
N LEU A 443 -6.42 8.91 -2.62
CA LEU A 443 -7.70 8.23 -2.46
C LEU A 443 -8.66 9.08 -1.64
N THR A 444 -8.18 9.75 -0.61
N THR A 444 -8.17 9.74 -0.60
CA THR A 444 -9.08 10.63 0.16
CA THR A 444 -9.01 10.64 0.19
C THR A 444 -9.49 11.85 -0.64
C THR A 444 -9.48 11.83 -0.65
N LEU A 445 -8.58 12.44 -1.44
CA LEU A 445 -8.97 13.50 -2.36
C LEU A 445 -10.06 13.04 -3.30
N LEU A 446 -9.86 11.89 -3.96
N LEU A 446 -9.90 11.85 -3.90
CA LEU A 446 -10.84 11.42 -4.92
CA LEU A 446 -10.82 11.40 -4.94
C LEU A 446 -12.21 11.24 -4.27
C LEU A 446 -12.20 11.07 -4.36
N VAL A 447 -12.25 10.47 -3.17
CA VAL A 447 -13.55 10.18 -2.55
C VAL A 447 -14.21 11.49 -2.13
N GLY A 448 -13.45 12.40 -1.53
CA GLY A 448 -14.03 13.64 -1.07
C GLY A 448 -14.58 14.47 -2.21
N GLU A 449 -13.81 14.60 -3.30
N GLU A 449 -13.79 14.64 -3.28
CA GLU A 449 -14.27 15.47 -4.39
CA GLU A 449 -14.27 15.44 -4.39
C GLU A 449 -15.32 14.78 -5.26
C GLU A 449 -15.43 14.76 -5.11
N TRP A 450 -15.33 13.44 -5.32
CA TRP A 450 -16.43 12.73 -5.97
C TRP A 450 -17.73 12.97 -5.20
N LEU A 451 -17.72 12.76 -3.88
CA LEU A 451 -18.96 12.96 -3.13
C LEU A 451 -19.40 14.41 -3.15
N ASN A 452 -18.46 15.35 -3.21
CA ASN A 452 -18.81 16.76 -3.29
C ASN A 452 -19.70 17.05 -4.49
N GLN A 453 -19.29 16.57 -5.67
CA GLN A 453 -20.00 16.88 -6.90
C GLN A 453 -21.02 15.81 -7.29
N ILE A 454 -20.86 14.58 -6.81
CA ILE A 454 -21.73 13.47 -7.18
C ILE A 454 -22.15 12.77 -5.89
N PRO A 455 -22.96 13.42 -5.04
CA PRO A 455 -23.28 12.82 -3.74
C PRO A 455 -24.12 11.56 -3.85
N ASP A 456 -24.92 11.44 -4.89
CA ASP A 456 -25.78 10.28 -5.05
C ASP A 456 -25.60 9.69 -6.42
N PHE A 457 -25.40 8.39 -6.47
CA PHE A 457 -25.15 7.67 -7.70
C PHE A 457 -25.41 6.21 -7.37
N GLU A 458 -25.56 5.40 -8.41
CA GLU A 458 -25.88 3.99 -8.19
C GLU A 458 -25.22 3.14 -9.25
N LEU A 459 -25.15 1.84 -8.99
CA LEU A 459 -24.71 0.89 -9.99
C LEU A 459 -25.72 0.78 -11.11
N ALA A 460 -25.23 0.64 -12.34
CA ALA A 460 -26.11 0.36 -13.46
C ALA A 460 -26.78 -1.00 -13.24
N PRO A 461 -28.00 -1.17 -13.75
CA PRO A 461 -28.71 -2.44 -13.55
C PRO A 461 -28.01 -3.62 -14.23
N ASP A 462 -28.17 -4.80 -13.62
CA ASP A 462 -27.62 -6.07 -14.08
C ASP A 462 -26.10 -6.14 -13.96
N TYR A 463 -25.52 -5.33 -13.10
CA TYR A 463 -24.08 -5.34 -12.92
C TYR A 463 -23.72 -6.24 -11.75
N ALA A 464 -22.75 -7.13 -11.97
CA ALA A 464 -22.16 -7.91 -10.89
C ALA A 464 -20.68 -7.61 -10.82
N PRO A 465 -20.17 -6.97 -9.76
CA PRO A 465 -18.74 -6.63 -9.72
C PRO A 465 -17.89 -7.88 -9.63
N GLU A 466 -16.90 -8.00 -10.50
CA GLU A 466 -15.94 -9.11 -10.45
C GLU A 466 -14.55 -8.62 -10.83
N ILE A 467 -13.53 -9.28 -10.27
CA ILE A 467 -12.17 -9.04 -10.76
C ILE A 467 -11.86 -10.09 -11.81
N ARG A 468 -10.77 -9.90 -12.54
CA ARG A 468 -10.31 -10.90 -13.48
C ARG A 468 -9.34 -11.80 -12.72
N PHE A 469 -9.61 -13.11 -12.71
CA PHE A 469 -8.81 -14.03 -11.91
C PHE A 469 -8.69 -15.37 -12.63
N PRO A 470 -7.49 -15.97 -12.69
CA PRO A 470 -6.23 -15.41 -12.19
C PRO A 470 -5.72 -14.32 -13.14
N SER A 471 -5.01 -13.31 -12.64
CA SER A 471 -4.40 -12.32 -13.54
C SER A 471 -3.44 -11.47 -12.72
N LYS A 472 -2.77 -10.54 -13.41
N LYS A 472 -2.74 -10.56 -13.40
CA LYS A 472 -1.82 -9.60 -12.83
CA LYS A 472 -1.83 -9.67 -12.66
C LYS A 472 -2.50 -8.41 -12.15
C LYS A 472 -2.61 -8.76 -11.72
N SER A 473 -3.82 -8.37 -12.13
CA SER A 473 -4.59 -7.31 -11.49
C SER A 473 -5.65 -7.89 -10.57
N PHE A 474 -5.77 -7.32 -9.36
CA PHE A 474 -6.93 -7.61 -8.52
C PHE A 474 -7.98 -6.51 -8.61
N ALA A 475 -8.02 -5.80 -9.75
CA ALA A 475 -8.96 -4.69 -9.90
C ALA A 475 -10.27 -5.15 -10.53
N LEU A 476 -11.31 -4.35 -10.34
CA LEU A 476 -12.59 -4.59 -11.00
C LEU A 476 -12.40 -4.53 -12.51
N LYS A 477 -13.05 -5.44 -13.25
CA LYS A 477 -13.07 -5.40 -14.72
C LYS A 477 -13.73 -4.13 -15.25
N ASN A 478 -14.81 -3.68 -14.61
CA ASN A 478 -15.49 -2.44 -14.99
C ASN A 478 -16.40 -2.05 -13.84
N LEU A 479 -16.97 -0.85 -13.94
CA LEU A 479 -17.75 -0.29 -12.85
C LEU A 479 -18.71 0.74 -13.46
N PRO A 480 -19.86 0.28 -13.96
CA PRO A 480 -20.85 1.17 -14.58
C PRO A 480 -21.69 1.89 -13.53
N LEU A 481 -21.58 3.22 -13.49
CA LEU A 481 -22.27 4.07 -12.52
C LEU A 481 -23.24 5.02 -13.21
N ARG A 482 -24.28 5.43 -12.49
CA ARG A 482 -25.31 6.32 -13.05
C ARG A 482 -25.82 7.26 -11.97
N TRP A 483 -26.20 8.45 -12.38
CA TRP A 483 -26.74 9.46 -11.48
C TRP A 483 -27.56 10.46 -12.29
N SER A 484 -28.26 11.33 -11.57
CA SER A 484 -29.08 12.36 -12.22
C SER A 484 -28.34 13.69 -12.31
#